data_6FI0
#
_entry.id   6FI0
#
_cell.length_a   72.095
_cell.length_b   72.095
_cell.length_c   99.198
_cell.angle_alpha   90.00
_cell.angle_beta   90.00
_cell.angle_gamma   90.00
#
_symmetry.space_group_name_H-M   'P 43 21 2'
#
loop_
_entity.id
_entity.type
_entity.pdbx_description
1 polymer 'Bromodomain adjacent to zinc finger domain protein 2A'
2 non-polymer 'ZINC ION'
3 non-polymer 'PHOSPHATE ION'
4 non-polymer 'POTASSIUM ION'
5 non-polymer 2-azanyl-1-(6,7-dihydro-4~{H}-thieno[3,2-c]pyridin-5-yl)ethanone
6 non-polymer GLYCEROL
7 water water
#
_entity_poly.entity_id   1
_entity_poly.type   'polypeptide(L)'
_entity_poly.pdbx_seq_one_letter_code
;HMSVNKVTCLVCRKGDNDEFLLLCDGCDRGCHIYCHRPKMEAVPEGDWFCTVCLAQQV
;
_entity_poly.pdbx_strand_id   A,B,C,D
#
# COMPACT_ATOMS: atom_id res chain seq x y z
N LYS A 6 12.09 19.53 14.36
CA LYS A 6 11.14 19.58 13.22
C LYS A 6 10.05 18.48 13.34
N VAL A 7 10.40 17.26 13.72
CA VAL A 7 9.39 16.17 13.81
C VAL A 7 8.57 16.29 15.08
N THR A 8 7.25 16.27 14.94
CA THR A 8 6.36 16.21 16.11
C THR A 8 5.45 14.97 16.04
N CYS A 9 4.90 14.64 17.19
CA CYS A 9 4.01 13.50 17.33
C CYS A 9 2.61 13.82 16.85
N LEU A 10 2.07 12.96 15.99
CA LEU A 10 0.71 13.08 15.47
C LEU A 10 -0.39 13.13 16.55
N VAL A 11 -0.22 12.39 17.65
CA VAL A 11 -1.21 12.26 18.69
C VAL A 11 -1.16 13.45 19.66
N CYS A 12 0.00 13.74 20.22
CA CYS A 12 0.12 14.78 21.27
C CYS A 12 0.72 16.13 20.80
N ARG A 13 1.25 16.15 19.57
CA ARG A 13 1.86 17.36 18.96
C ARG A 13 3.14 17.92 19.60
N LYS A 14 3.76 17.18 20.51
CA LYS A 14 5.06 17.60 21.05
C LYS A 14 6.15 16.86 20.29
N GLY A 15 7.34 17.46 20.27
CA GLY A 15 8.51 16.87 19.63
C GLY A 15 9.60 16.51 20.64
N ASP A 16 9.22 16.42 21.92
CA ASP A 16 10.16 16.05 23.00
C ASP A 16 10.32 14.53 23.12
N ASN A 17 11.28 14.13 23.96
CA ASN A 17 11.63 12.73 24.21
C ASN A 17 11.84 12.07 22.86
N ASP A 18 12.73 12.66 22.07
CA ASP A 18 12.85 12.24 20.69
C ASP A 18 13.38 10.81 20.51
N GLU A 19 14.01 10.24 21.53
CA GLU A 19 14.41 8.86 21.50
C GLU A 19 13.21 7.92 21.48
N PHE A 20 12.04 8.40 21.92
CA PHE A 20 10.79 7.63 21.87
C PHE A 20 9.93 7.92 20.64
N LEU A 21 10.45 8.70 19.71
CA LEU A 21 9.67 9.21 18.61
C LEU A 21 9.84 8.31 17.39
N LEU A 22 8.76 7.66 16.95
CA LEU A 22 8.74 6.96 15.67
C LEU A 22 8.74 7.98 14.55
N LEU A 23 9.47 7.68 13.49
CA LEU A 23 9.52 8.54 12.31
C LEU A 23 9.03 7.70 11.13
N CYS A 24 8.06 8.24 10.38
CA CYS A 24 7.39 7.51 9.31
C CYS A 24 8.38 7.35 8.19
N ASP A 25 8.41 6.16 7.61
CA ASP A 25 9.25 5.93 6.42
C ASP A 25 8.62 6.36 5.07
N GLY A 26 7.36 6.76 5.08
CA GLY A 26 6.71 7.25 3.89
C GLY A 26 6.60 8.76 3.81
N CYS A 27 6.79 9.48 4.93
CA CYS A 27 6.64 10.96 4.95
C CYS A 27 7.44 11.46 6.13
N ASP A 28 7.30 12.74 6.48
CA ASP A 28 8.02 13.31 7.64
C ASP A 28 7.19 13.35 8.95
N ARG A 29 6.15 12.52 9.06
CA ARG A 29 5.29 12.56 10.24
C ARG A 29 5.91 11.68 11.33
N GLY A 30 5.46 11.86 12.57
CA GLY A 30 6.04 11.10 13.71
C GLY A 30 5.05 10.70 14.75
N CYS A 31 5.43 9.84 15.71
CA CYS A 31 4.51 9.49 16.81
C CYS A 31 5.32 8.91 17.95
N HIS A 32 5.09 9.41 19.18
CA HIS A 32 5.73 8.82 20.34
C HIS A 32 5.26 7.39 20.43
N ILE A 33 6.15 6.47 20.72
CA ILE A 33 5.72 5.10 20.97
C ILE A 33 4.72 5.02 22.09
N TYR A 34 4.84 5.88 23.08
CA TYR A 34 3.92 5.88 24.21
C TYR A 34 2.56 6.50 23.92
N CYS A 35 2.48 7.25 22.83
CA CYS A 35 1.20 7.80 22.34
C CYS A 35 0.42 6.87 21.43
N HIS A 36 1.11 5.93 20.83
CA HIS A 36 0.52 4.97 19.92
C HIS A 36 -0.44 4.02 20.62
N ARG A 37 -1.53 3.66 19.92
CA ARG A 37 -2.48 2.60 20.39
C ARG A 37 -2.79 1.79 19.15
N PRO A 38 -2.61 0.48 19.16
CA PRO A 38 -2.18 -0.38 20.27
C PRO A 38 -0.77 -0.14 20.85
N LYS A 39 -0.49 -0.82 21.93
CA LYS A 39 0.75 -0.60 22.72
C LYS A 39 1.96 -0.86 21.86
N MET A 40 2.91 0.05 21.90
CA MET A 40 4.19 -0.11 21.24
C MET A 40 5.28 0.15 22.29
N GLU A 41 5.99 -0.89 22.66
CA GLU A 41 6.95 -0.76 23.75
C GLU A 41 8.36 -0.40 23.25
N ALA A 42 8.59 -0.35 21.95
CA ALA A 42 9.89 0.06 21.43
C ALA A 42 9.76 0.56 19.99
N VAL A 43 10.73 1.39 19.55
CA VAL A 43 10.79 1.85 18.16
C VAL A 43 11.16 0.61 17.34
N PRO A 44 10.32 0.18 16.42
CA PRO A 44 10.69 -1.06 15.70
C PRO A 44 11.82 -0.83 14.71
N GLU A 45 12.45 -1.91 14.29
CA GLU A 45 13.39 -1.84 13.20
C GLU A 45 12.69 -2.05 11.90
N GLY A 46 13.41 -1.80 10.82
CA GLY A 46 12.79 -1.74 9.52
C GLY A 46 11.80 -0.58 9.45
N ASP A 47 10.71 -0.81 8.73
CA ASP A 47 9.83 0.28 8.36
C ASP A 47 8.57 0.42 9.19
N TRP A 48 8.28 1.66 9.59
CA TRP A 48 6.99 2.02 10.19
C TRP A 48 6.31 3.12 9.32
N PHE A 49 5.01 2.90 9.06
CA PHE A 49 4.17 3.85 8.35
C PHE A 49 3.07 4.42 9.21
N CYS A 50 2.93 5.73 9.10
CA CYS A 50 1.87 6.48 9.75
C CYS A 50 0.55 6.21 9.05
N THR A 51 -0.52 6.71 9.65
CA THR A 51 -1.86 6.49 9.16
C THR A 51 -2.17 7.19 7.83
N VAL A 52 -1.51 8.30 7.58
CA VAL A 52 -1.69 9.01 6.34
C VAL A 52 -1.06 8.18 5.19
N CYS A 53 0.15 7.66 5.42
CA CYS A 53 0.76 6.69 4.51
C CYS A 53 0.02 5.39 4.34
N LEU A 54 -0.50 4.81 5.42
CA LEU A 54 -1.34 3.61 5.28
C LEU A 54 -2.55 3.85 4.36
N ALA A 55 -3.10 5.07 4.40
CA ALA A 55 -4.25 5.43 3.56
C ALA A 55 -3.92 5.51 2.06
N GLN A 56 -2.64 5.58 1.72
CA GLN A 56 -2.18 5.61 0.30
C GLN A 56 -1.86 4.24 -0.28
N GLN A 57 -1.81 3.21 0.57
CA GLN A 57 -1.57 1.84 0.13
C GLN A 57 -2.69 1.30 -0.75
N VAL A 58 -2.36 0.33 -1.61
CA VAL A 58 -3.37 -0.53 -2.23
C VAL A 58 -2.90 -1.97 -2.10
N LYS B 6 -7.28 -15.20 -29.46
CA LYS B 6 -6.95 -16.12 -28.33
C LYS B 6 -6.05 -15.40 -27.32
N VAL B 7 -6.57 -14.33 -26.73
CA VAL B 7 -5.78 -13.49 -25.81
C VAL B 7 -5.44 -14.23 -24.53
N THR B 8 -4.16 -14.15 -24.15
CA THR B 8 -3.64 -14.75 -22.94
C THR B 8 -2.99 -13.68 -22.04
N CYS B 9 -2.87 -14.00 -20.76
CA CYS B 9 -2.33 -13.07 -19.77
C CYS B 9 -0.80 -13.08 -19.78
N LEU B 10 -0.22 -11.90 -19.99
CA LEU B 10 1.24 -11.71 -19.88
C LEU B 10 1.90 -12.37 -18.66
N VAL B 11 1.23 -12.34 -17.50
CA VAL B 11 1.84 -12.80 -16.25
C VAL B 11 1.77 -14.30 -16.15
N CYS B 12 0.56 -14.87 -16.25
CA CYS B 12 0.39 -16.29 -16.00
C CYS B 12 0.30 -17.15 -17.28
N ARG B 13 0.16 -16.51 -18.44
CA ARG B 13 0.10 -17.18 -19.75
C ARG B 13 -1.20 -17.98 -20.04
N LYS B 14 -2.23 -17.82 -19.20
CA LYS B 14 -3.54 -18.46 -19.41
C LYS B 14 -4.56 -17.43 -19.91
N GLY B 15 -5.55 -17.93 -20.63
CA GLY B 15 -6.63 -17.10 -21.17
C GLY B 15 -7.97 -17.46 -20.57
N ASP B 16 -7.99 -18.08 -19.39
CA ASP B 16 -9.24 -18.40 -18.70
C ASP B 16 -9.81 -17.17 -17.99
N ASN B 17 -11.03 -17.31 -17.52
CA ASN B 17 -11.74 -16.26 -16.75
C ASN B 17 -11.68 -14.93 -17.48
N ASP B 18 -12.12 -14.92 -18.74
CA ASP B 18 -11.88 -13.76 -19.62
C ASP B 18 -12.66 -12.50 -19.29
N GLU B 19 -13.65 -12.58 -18.41
CA GLU B 19 -14.27 -11.41 -17.81
C GLU B 19 -13.30 -10.54 -16.97
N PHE B 20 -12.23 -11.17 -16.50
CA PHE B 20 -11.19 -10.50 -15.69
C PHE B 20 -9.92 -10.18 -16.47
N LEU B 21 -9.95 -10.34 -17.80
CA LEU B 21 -8.80 -10.10 -18.67
C LEU B 21 -8.80 -8.64 -19.18
N LEU B 22 -7.82 -7.86 -18.76
CA LEU B 22 -7.66 -6.50 -19.24
C LEU B 22 -6.91 -6.60 -20.56
N LEU B 23 -7.40 -5.85 -21.56
CA LEU B 23 -6.90 -5.93 -22.93
C LEU B 23 -6.10 -4.67 -23.26
N CYS B 24 -4.93 -4.88 -23.84
CA CYS B 24 -4.10 -3.76 -24.22
C CYS B 24 -4.79 -3.02 -25.36
N ASP B 25 -4.81 -1.71 -25.28
CA ASP B 25 -5.38 -0.88 -26.32
C ASP B 25 -4.37 -0.59 -27.44
N GLY B 26 -3.09 -0.91 -27.23
CA GLY B 26 -2.08 -0.80 -28.28
C GLY B 26 -1.65 -2.06 -29.00
N CYS B 27 -2.01 -3.24 -28.48
CA CYS B 27 -1.59 -4.51 -29.09
C CYS B 27 -2.52 -5.66 -28.71
N ASP B 28 -2.13 -6.87 -29.10
CA ASP B 28 -2.86 -8.10 -28.81
C ASP B 28 -2.74 -8.64 -27.36
N ARG B 29 -1.94 -8.03 -26.50
CA ARG B 29 -1.65 -8.66 -25.20
C ARG B 29 -2.74 -8.41 -24.15
N GLY B 30 -2.73 -9.20 -23.09
CA GLY B 30 -3.74 -9.07 -22.01
C GLY B 30 -3.13 -9.27 -20.65
N CYS B 31 -3.87 -8.92 -19.60
CA CYS B 31 -3.41 -9.24 -18.26
C CYS B 31 -4.63 -9.46 -17.41
N HIS B 32 -4.69 -10.56 -16.65
CA HIS B 32 -5.77 -10.74 -15.67
C HIS B 32 -5.65 -9.65 -14.65
N ILE B 33 -6.76 -9.06 -14.24
CA ILE B 33 -6.66 -8.06 -13.21
C ILE B 33 -6.06 -8.62 -11.95
N TYR B 34 -6.35 -9.89 -11.67
CA TYR B 34 -5.86 -10.54 -10.46
C TYR B 34 -4.39 -10.96 -10.50
N CYS B 35 -3.80 -11.02 -11.69
CA CYS B 35 -2.35 -11.17 -11.86
C CYS B 35 -1.51 -9.88 -11.76
N HIS B 36 -2.17 -8.73 -11.85
CA HIS B 36 -1.52 -7.43 -11.92
C HIS B 36 -1.02 -7.03 -10.56
N ARG B 37 0.16 -6.41 -10.56
CA ARG B 37 0.73 -5.84 -9.31
C ARG B 37 1.25 -4.49 -9.74
N PRO B 38 0.78 -3.39 -9.16
CA PRO B 38 0.01 -3.32 -7.93
C PRO B 38 -1.43 -3.78 -8.08
N LYS B 39 -2.13 -3.88 -6.95
CA LYS B 39 -3.51 -4.38 -6.90
C LYS B 39 -4.40 -3.65 -7.87
N MET B 40 -5.13 -4.45 -8.68
CA MET B 40 -6.08 -3.93 -9.65
C MET B 40 -7.44 -4.59 -9.38
N GLU B 41 -8.30 -3.90 -8.66
CA GLU B 41 -9.53 -4.56 -8.21
C GLU B 41 -10.65 -4.61 -9.27
N ALA B 42 -10.53 -3.89 -10.37
CA ALA B 42 -11.54 -3.84 -11.43
C ALA B 42 -10.86 -3.61 -12.75
N VAL B 43 -11.51 -4.02 -13.83
CA VAL B 43 -10.97 -3.75 -15.14
C VAL B 43 -11.09 -2.24 -15.35
N PRO B 44 -9.99 -1.52 -15.60
CA PRO B 44 -10.15 -0.09 -15.80
C PRO B 44 -10.93 0.27 -17.03
N GLU B 45 -11.68 1.35 -16.89
CA GLU B 45 -12.28 2.01 -18.03
C GLU B 45 -11.26 2.81 -18.80
N GLY B 46 -11.67 3.25 -19.98
CA GLY B 46 -10.80 3.97 -20.87
C GLY B 46 -9.73 3.08 -21.47
N ASP B 47 -8.56 3.68 -21.67
CA ASP B 47 -7.46 3.05 -22.35
C ASP B 47 -6.43 2.52 -21.36
N TRP B 48 -5.82 1.40 -21.75
CA TRP B 48 -4.76 0.76 -20.96
C TRP B 48 -3.72 0.29 -21.96
N PHE B 49 -2.45 0.53 -21.61
CA PHE B 49 -1.31 0.17 -22.45
C PHE B 49 -0.38 -0.74 -21.64
N CYS B 50 -0.07 -1.91 -22.20
CA CYS B 50 0.69 -2.94 -21.49
C CYS B 50 2.14 -2.49 -21.40
N THR B 51 2.91 -3.17 -20.58
CA THR B 51 4.32 -2.80 -20.31
C THR B 51 5.25 -2.80 -21.54
N VAL B 52 4.93 -3.68 -22.49
CA VAL B 52 5.64 -3.73 -23.79
C VAL B 52 5.37 -2.47 -24.62
N CYS B 53 4.10 -2.13 -24.80
CA CYS B 53 3.69 -0.92 -25.52
C CYS B 53 4.31 0.34 -24.88
N LEU B 54 4.40 0.35 -23.54
CA LEU B 54 4.97 1.47 -22.79
C LEU B 54 6.47 1.70 -23.05
N ALA B 55 7.19 0.64 -23.40
CA ALA B 55 8.58 0.73 -23.87
C ALA B 55 8.62 1.11 -25.35
N LYS C 6 -12.34 -15.20 15.48
CA LYS C 6 -13.26 -14.11 16.00
C LYS C 6 -12.42 -12.87 16.33
N VAL C 7 -12.39 -11.89 15.44
CA VAL C 7 -11.39 -10.83 15.57
C VAL C 7 -11.81 -9.88 16.69
N THR C 8 -10.85 -9.46 17.52
CA THR C 8 -11.15 -8.56 18.61
C THR C 8 -10.11 -7.44 18.61
N CYS C 9 -10.50 -6.29 19.14
CA CYS C 9 -9.68 -5.09 19.14
C CYS C 9 -8.69 -5.12 20.29
N LEU C 10 -7.42 -4.91 19.95
CA LEU C 10 -6.35 -4.85 20.95
C LEU C 10 -6.55 -3.75 22.00
N VAL C 11 -7.18 -2.65 21.59
CA VAL C 11 -7.27 -1.46 22.40
C VAL C 11 -8.42 -1.58 23.36
N CYS C 12 -9.62 -1.83 22.85
CA CYS C 12 -10.81 -1.89 23.69
C CYS C 12 -11.24 -3.30 24.08
N ARG C 13 -10.66 -4.33 23.46
CA ARG C 13 -10.98 -5.75 23.69
C ARG C 13 -12.30 -6.26 23.16
N LYS C 14 -13.04 -5.44 22.42
CA LYS C 14 -14.34 -5.86 21.90
C LYS C 14 -14.22 -6.29 20.45
N GLY C 15 -15.16 -7.14 20.03
CA GLY C 15 -15.25 -7.68 18.69
C GLY C 15 -16.44 -7.14 17.87
N ASP C 16 -17.02 -6.03 18.36
CA ASP C 16 -18.24 -5.45 17.79
C ASP C 16 -17.89 -4.54 16.65
N ASN C 17 -18.90 -4.15 15.90
CA ASN C 17 -18.71 -3.25 14.75
C ASN C 17 -17.62 -3.74 13.83
N ASP C 18 -17.71 -5.01 13.44
CA ASP C 18 -16.56 -5.63 12.73
C ASP C 18 -16.21 -5.07 11.37
N GLU C 19 -17.10 -4.28 10.79
CA GLU C 19 -16.76 -3.57 9.56
C GLU C 19 -15.68 -2.51 9.77
N PHE C 20 -15.48 -2.11 11.03
CA PHE C 20 -14.46 -1.16 11.40
C PHE C 20 -13.23 -1.81 12.06
N LEU C 21 -13.14 -3.14 12.07
CA LEU C 21 -11.97 -3.85 12.62
C LEU C 21 -10.88 -4.06 11.61
N LEU C 22 -9.72 -3.48 11.85
CA LEU C 22 -8.52 -3.88 11.15
C LEU C 22 -8.15 -5.26 11.60
N LEU C 23 -7.74 -6.11 10.66
CA LEU C 23 -7.18 -7.43 10.99
C LEU C 23 -5.72 -7.42 10.52
N CYS C 24 -4.84 -7.78 11.44
CA CYS C 24 -3.44 -7.83 11.16
C CYS C 24 -3.15 -8.80 10.01
N ASP C 25 -2.26 -8.41 9.13
CA ASP C 25 -1.85 -9.34 8.06
C ASP C 25 -0.77 -10.33 8.47
N GLY C 26 -0.21 -10.17 9.67
CA GLY C 26 0.75 -11.09 10.20
C GLY C 26 0.24 -12.03 11.25
N CYS C 27 -0.91 -11.76 11.85
CA CYS C 27 -1.35 -12.61 12.98
C CYS C 27 -2.84 -12.44 13.16
N ASP C 28 -3.38 -12.97 14.25
CA ASP C 28 -4.87 -12.95 14.47
C ASP C 28 -5.46 -11.71 15.18
N ARG C 29 -4.62 -10.77 15.52
CA ARG C 29 -5.00 -9.61 16.28
C ARG C 29 -5.65 -8.57 15.36
N GLY C 30 -6.47 -7.73 15.99
CA GLY C 30 -7.22 -6.67 15.30
C GLY C 30 -7.24 -5.38 16.07
N CYS C 31 -7.86 -4.34 15.47
CA CYS C 31 -7.93 -3.03 16.09
C CYS C 31 -9.07 -2.22 15.39
N HIS C 32 -9.99 -1.63 16.15
CA HIS C 32 -10.98 -0.77 15.50
C HIS C 32 -10.25 0.43 14.92
N ILE C 33 -10.64 0.88 13.73
CA ILE C 33 -10.01 2.08 13.21
C ILE C 33 -10.19 3.29 14.13
N TYR C 34 -11.32 3.35 14.83
CA TYR C 34 -11.58 4.42 15.78
C TYR C 34 -10.88 4.32 17.11
N CYS C 35 -10.34 3.15 17.47
CA CYS C 35 -9.51 3.01 18.67
C CYS C 35 -8.03 3.26 18.44
N HIS C 36 -7.59 3.06 17.21
CA HIS C 36 -6.21 3.32 16.80
C HIS C 36 -5.78 4.73 17.12
N ARG C 37 -4.54 4.88 17.58
CA ARG C 37 -3.91 6.19 17.71
C ARG C 37 -2.54 6.08 17.12
N PRO C 38 -2.21 6.89 16.10
CA PRO C 38 -3.02 8.00 15.61
C PRO C 38 -4.31 7.60 14.92
N LYS C 39 -5.18 8.59 14.79
CA LYS C 39 -6.53 8.43 14.28
C LYS C 39 -6.53 7.95 12.84
N MET C 40 -7.44 7.06 12.52
CA MET C 40 -7.53 6.36 11.24
C MET C 40 -8.94 6.44 10.66
N GLU C 41 -9.05 7.06 9.50
CA GLU C 41 -10.33 7.43 8.87
C GLU C 41 -11.11 6.26 8.31
N ALA C 42 -10.37 5.28 7.80
CA ALA C 42 -10.93 4.09 7.16
C ALA C 42 -9.94 2.94 7.24
N VAL C 43 -10.46 1.73 7.06
CA VAL C 43 -9.67 0.49 7.01
C VAL C 43 -8.76 0.69 5.77
N PRO C 44 -7.43 0.78 5.95
CA PRO C 44 -6.62 0.92 4.74
C PRO C 44 -6.57 -0.38 3.95
N GLU C 45 -6.22 -0.21 2.67
CA GLU C 45 -5.94 -1.33 1.80
C GLU C 45 -4.47 -1.67 1.98
N GLY C 46 -4.03 -2.69 1.27
CA GLY C 46 -2.68 -3.20 1.46
C GLY C 46 -2.60 -3.74 2.88
N ASP C 47 -1.38 -3.76 3.42
CA ASP C 47 -1.13 -4.47 4.66
C ASP C 47 -1.13 -3.53 5.86
N TRP C 48 -1.72 -4.04 6.97
CA TRP C 48 -1.69 -3.38 8.25
C TRP C 48 -1.14 -4.39 9.23
N PHE C 49 -0.17 -3.95 10.02
CA PHE C 49 0.55 -4.81 10.95
C PHE C 49 0.35 -4.23 12.29
N CYS C 50 -0.02 -5.12 13.22
CA CYS C 50 -0.16 -4.76 14.59
C CYS C 50 1.23 -4.51 15.17
N THR C 51 1.24 -4.01 16.39
CA THR C 51 2.48 -3.68 17.08
C THR C 51 3.34 -4.90 17.52
N VAL C 52 2.70 -6.03 17.76
CA VAL C 52 3.44 -7.26 18.04
C VAL C 52 4.19 -7.70 16.78
N CYS C 53 3.50 -7.73 15.66
CA CYS C 53 4.18 -8.02 14.37
C CYS C 53 5.25 -6.98 13.99
N LEU C 54 5.00 -5.71 14.28
CA LEU C 54 6.00 -4.68 14.02
C LEU C 54 7.24 -4.88 14.85
N ALA C 55 7.07 -5.32 16.09
CA ALA C 55 8.19 -5.61 16.98
C ALA C 55 9.03 -6.81 16.57
N GLN C 56 8.52 -7.67 15.68
CA GLN C 56 9.32 -8.80 15.14
C GLN C 56 10.04 -8.46 13.83
N GLN C 57 9.66 -7.37 13.17
CA GLN C 57 10.35 -6.98 11.95
C GLN C 57 11.71 -6.38 12.34
N LYS D 6 9.12 11.48 -0.40
CA LYS D 6 9.59 10.09 -0.09
C LYS D 6 8.68 9.04 -0.74
N VAL D 7 9.04 8.62 -1.96
CA VAL D 7 8.21 7.72 -2.75
C VAL D 7 8.36 6.29 -2.22
N THR D 8 7.26 5.56 -2.03
CA THR D 8 7.38 4.14 -1.62
C THR D 8 6.65 3.25 -2.63
N CYS D 9 7.11 2.02 -2.73
CA CYS D 9 6.58 1.13 -3.73
C CYS D 9 5.26 0.53 -3.25
N LEU D 10 4.24 0.68 -4.08
CA LEU D 10 2.93 0.09 -3.75
C LEU D 10 2.96 -1.40 -3.51
N VAL D 11 3.84 -2.11 -4.22
CA VAL D 11 3.87 -3.57 -4.16
C VAL D 11 4.66 -4.04 -2.94
N CYS D 12 5.88 -3.56 -2.75
CA CYS D 12 6.72 -4.12 -1.67
C CYS D 12 6.78 -3.25 -0.39
N ARG D 13 6.23 -2.04 -0.45
CA ARG D 13 6.16 -1.07 0.66
C ARG D 13 7.52 -0.49 1.02
N LYS D 14 8.53 -0.62 0.17
CA LYS D 14 9.85 -0.07 0.50
C LYS D 14 10.11 1.10 -0.41
N GLY D 15 10.92 2.03 0.09
CA GLY D 15 11.33 3.21 -0.66
C GLY D 15 12.79 3.15 -1.08
N ASP D 16 13.43 1.98 -1.00
CA ASP D 16 14.86 1.83 -1.40
C ASP D 16 15.03 1.80 -2.93
N ASN D 17 16.28 1.91 -3.36
CA ASN D 17 16.65 1.84 -4.79
C ASN D 17 15.84 2.75 -5.64
N ASP D 18 15.83 4.02 -5.24
CA ASP D 18 14.91 4.97 -5.82
C ASP D 18 15.16 5.33 -7.29
N GLU D 19 16.32 4.99 -7.81
CA GLU D 19 16.56 5.08 -9.26
C GLU D 19 15.63 4.16 -10.07
N PHE D 20 15.20 3.07 -9.45
CA PHE D 20 14.30 2.07 -10.05
C PHE D 20 12.79 2.28 -9.74
N LEU D 21 12.47 3.36 -9.05
CA LEU D 21 11.10 3.58 -8.54
C LEU D 21 10.35 4.43 -9.55
N LEU D 22 9.26 3.90 -10.11
CA LEU D 22 8.35 4.70 -10.98
C LEU D 22 7.53 5.61 -10.07
N LEU D 23 7.33 6.87 -10.49
CA LEU D 23 6.42 7.79 -9.80
C LEU D 23 5.20 7.98 -10.71
N CYS D 24 4.02 7.77 -10.16
CA CYS D 24 2.78 7.93 -10.90
C CYS D 24 2.65 9.36 -11.44
N ASP D 25 2.20 9.47 -12.69
CA ASP D 25 1.95 10.78 -13.32
C ASP D 25 0.62 11.42 -12.91
N GLY D 26 -0.13 10.69 -12.09
CA GLY D 26 -1.39 11.12 -11.60
C GLY D 26 -1.52 11.36 -10.11
N CYS D 27 -0.60 10.82 -9.30
CA CYS D 27 -0.63 11.01 -7.87
C CYS D 27 0.78 10.85 -7.29
N ASP D 28 0.91 10.70 -5.96
CA ASP D 28 2.21 10.50 -5.34
C ASP D 28 2.68 9.09 -5.07
N ARG D 29 1.97 8.13 -5.60
CA ARG D 29 2.30 6.74 -5.36
C ARG D 29 3.41 6.31 -6.31
N GLY D 30 4.03 5.18 -5.99
CA GLY D 30 5.21 4.70 -6.72
C GLY D 30 5.22 3.21 -6.89
N CYS D 31 6.12 2.70 -7.71
CA CYS D 31 6.30 1.26 -7.86
C CYS D 31 7.64 0.96 -8.47
N HIS D 32 8.42 0.04 -7.86
CA HIS D 32 9.67 -0.38 -8.47
C HIS D 32 9.38 -1.01 -9.79
N ILE D 33 10.19 -0.73 -10.79
CA ILE D 33 9.99 -1.38 -12.08
C ILE D 33 10.06 -2.90 -11.99
N TYR D 34 10.90 -3.38 -11.11
CA TYR D 34 11.04 -4.82 -10.87
C TYR D 34 9.93 -5.46 -10.05
N CYS D 35 9.14 -4.65 -9.34
CA CYS D 35 8.00 -5.13 -8.58
C CYS D 35 6.72 -5.23 -9.45
N HIS D 36 6.62 -4.40 -10.47
CA HIS D 36 5.42 -4.33 -11.30
C HIS D 36 5.18 -5.69 -12.01
N ARG D 37 3.91 -6.12 -12.07
CA ARG D 37 3.48 -7.24 -12.90
C ARG D 37 2.28 -6.71 -13.71
N PRO D 38 2.32 -6.73 -15.06
CA PRO D 38 3.37 -7.35 -15.86
C PRO D 38 4.73 -6.68 -15.73
N LYS D 39 5.76 -7.42 -16.05
CA LYS D 39 7.12 -6.99 -15.88
C LYS D 39 7.51 -5.85 -16.79
N MET D 40 8.37 -4.97 -16.26
CA MET D 40 8.92 -3.82 -16.96
C MET D 40 10.44 -3.88 -16.90
N GLU D 41 11.09 -3.68 -18.04
CA GLU D 41 12.57 -3.66 -18.15
C GLU D 41 13.23 -2.34 -17.67
N ALA D 42 12.61 -1.22 -18.03
CA ALA D 42 13.12 0.12 -17.75
C ALA D 42 12.00 1.03 -17.25
N VAL D 43 12.38 2.23 -16.80
CA VAL D 43 11.42 3.30 -16.56
C VAL D 43 11.01 3.75 -17.99
N PRO D 44 9.68 3.79 -18.28
CA PRO D 44 9.24 4.03 -19.65
C PRO D 44 9.42 5.47 -20.11
N GLU D 45 9.38 5.65 -21.43
CA GLU D 45 9.42 6.98 -22.08
C GLU D 45 8.22 7.83 -21.66
N GLY D 46 7.02 7.26 -21.75
CA GLY D 46 5.80 7.99 -21.52
C GLY D 46 5.37 8.05 -20.06
N ASP D 47 4.07 8.23 -19.89
CA ASP D 47 3.47 8.28 -18.58
C ASP D 47 3.19 6.89 -18.04
N TRP D 48 3.32 6.75 -16.73
CA TRP D 48 3.00 5.52 -16.05
C TRP D 48 1.94 5.89 -15.01
N PHE D 49 0.87 5.13 -14.97
CA PHE D 49 -0.18 5.31 -13.92
C PHE D 49 -0.28 4.09 -13.02
N CYS D 50 -0.37 4.36 -11.73
CA CYS D 50 -0.66 3.36 -10.71
C CYS D 50 -2.09 2.92 -10.89
N THR D 51 -2.46 1.84 -10.20
CA THR D 51 -3.78 1.28 -10.33
C THR D 51 -4.88 2.12 -9.69
N VAL D 52 -4.55 2.96 -8.72
CA VAL D 52 -5.56 3.89 -8.19
C VAL D 52 -5.98 4.87 -9.27
N CYS D 53 -5.00 5.40 -9.98
CA CYS D 53 -5.25 6.33 -11.07
C CYS D 53 -5.93 5.66 -12.27
N LEU D 54 -5.49 4.45 -12.62
CA LEU D 54 -6.20 3.71 -13.64
C LEU D 54 -7.70 3.57 -13.31
N ALA D 55 -8.01 3.35 -12.05
CA ALA D 55 -9.39 3.21 -11.62
C ALA D 55 -10.21 4.52 -11.65
N GLN D 56 -9.56 5.66 -11.81
CA GLN D 56 -10.23 6.96 -12.01
C GLN D 56 -10.54 7.25 -13.48
N GLN D 57 -9.96 6.51 -14.41
CA GLN D 57 -10.22 6.69 -15.85
C GLN D 57 -11.68 6.39 -16.23
N VAL D 58 -12.16 7.06 -17.26
CA VAL D 58 -13.43 6.72 -17.93
C VAL D 58 -13.24 6.66 -19.45
#